data_2P32
#
_entry.id   2P32
#
_cell.length_a   138.927
_cell.length_b   138.927
_cell.length_c   100.704
_cell.angle_alpha   90.000
_cell.angle_beta   90.000
_cell.angle_gamma   90.000
#
_symmetry.space_group_name_H-M   'P 42 21 2'
#
loop_
_entity.id
_entity.type
_entity.pdbx_description
1 polymer 'Heat shock 70 kDa protein A'
2 non-polymer 'SULFATE ION'
#
_entity_poly.entity_id   1
_entity_poly.type   'polypeptide(L)'
_entity_poly.pdbx_seq_one_letter_code
;MGSSHHHHHHSSGLVPRGSHMGLESYAFNLKQTIEDEKLKDKISPEDKKKIEDKCDEILKWLDSNQTAEKEEFEHQQKDL
EGLANPIISKLYQSAGGAPPGAAPGGAAGGAGGPTIEEVD
;
_entity_poly.pdbx_strand_id   A,B,C,D,E,F
#
# COMPACT_ATOMS: atom_id res chain seq x y z
N GLY A 13 9.32 -8.47 -15.95
CA GLY A 13 7.89 -8.18 -16.34
C GLY A 13 6.86 -9.21 -15.84
N LEU A 14 6.06 -8.92 -14.82
CA LEU A 14 5.89 -7.62 -14.15
C LEU A 14 5.13 -6.64 -15.00
N VAL A 15 3.84 -6.59 -14.73
CA VAL A 15 2.87 -5.77 -15.44
C VAL A 15 3.17 -4.30 -15.31
N PRO A 16 2.91 -3.53 -16.38
CA PRO A 16 3.08 -2.10 -16.35
C PRO A 16 1.72 -1.48 -16.17
N ARG A 17 1.70 -0.18 -15.97
CA ARG A 17 0.51 0.45 -15.45
C ARG A 17 -0.68 0.21 -16.35
N GLY A 18 -0.49 0.52 -17.63
CA GLY A 18 -1.55 0.35 -18.57
C GLY A 18 -2.47 -0.79 -18.15
N SER A 19 -1.92 -1.99 -18.11
CA SER A 19 -2.72 -3.17 -17.85
C SER A 19 -3.43 -3.00 -16.53
N HIS A 20 -2.70 -2.51 -15.55
CA HIS A 20 -3.31 -2.24 -14.26
C HIS A 20 -4.54 -1.32 -14.33
N MET A 21 -4.51 -0.31 -15.16
CA MET A 21 -5.65 0.56 -15.25
C MET A 21 -6.73 -0.24 -15.96
N GLY A 22 -6.30 -1.02 -16.94
CA GLY A 22 -7.21 -1.81 -17.77
C GLY A 22 -8.06 -2.75 -16.97
N LEU A 23 -7.48 -3.45 -16.06
CA LEU A 23 -8.28 -4.34 -15.29
C LEU A 23 -9.17 -3.50 -14.39
N GLU A 24 -8.58 -2.64 -13.56
CA GLU A 24 -9.36 -1.76 -12.70
C GLU A 24 -10.58 -1.27 -13.51
N SER A 25 -10.34 -0.84 -14.74
CA SER A 25 -11.41 -0.30 -15.56
C SER A 25 -12.53 -1.29 -15.89
N TYR A 26 -12.18 -2.39 -16.54
CA TYR A 26 -13.09 -3.53 -16.70
C TYR A 26 -13.90 -3.78 -15.41
N ALA A 27 -13.19 -4.23 -14.37
CA ALA A 27 -13.80 -4.48 -13.10
C ALA A 27 -14.75 -3.36 -12.78
N PHE A 28 -14.30 -2.13 -12.90
CA PHE A 28 -15.09 -1.01 -12.48
C PHE A 28 -16.39 -0.91 -13.22
N ASN A 29 -16.31 -1.19 -14.51
CA ASN A 29 -17.43 -1.01 -15.41
C ASN A 29 -18.46 -2.08 -15.37
N LEU A 30 -18.01 -3.31 -15.38
CA LEU A 30 -18.92 -4.37 -15.05
C LEU A 30 -19.77 -3.85 -13.91
N LYS A 31 -19.16 -3.33 -12.86
CA LYS A 31 -19.96 -2.90 -11.73
C LYS A 31 -21.00 -1.90 -12.18
N GLN A 32 -20.57 -0.80 -12.79
CA GLN A 32 -21.52 0.27 -13.22
C GLN A 32 -22.67 -0.29 -14.00
N THR A 33 -22.32 -1.19 -14.93
CA THR A 33 -23.28 -1.81 -15.84
C THR A 33 -24.36 -2.58 -15.09
N ILE A 34 -23.90 -3.52 -14.28
CA ILE A 34 -24.75 -4.28 -13.40
C ILE A 34 -25.74 -3.45 -12.57
N GLU A 35 -25.34 -2.24 -12.19
CA GLU A 35 -26.20 -1.42 -11.35
C GLU A 35 -26.82 -0.28 -12.12
N ASP A 36 -26.67 -0.27 -13.43
CA ASP A 36 -27.32 0.75 -14.24
C ASP A 36 -28.83 0.57 -14.28
N GLU A 37 -29.55 1.50 -13.68
CA GLU A 37 -30.99 1.46 -13.72
C GLU A 37 -31.61 0.80 -14.98
N LYS A 38 -31.14 1.15 -16.17
CA LYS A 38 -31.68 0.59 -17.43
C LYS A 38 -31.42 -0.94 -17.63
N LEU A 39 -30.61 -1.56 -16.76
CA LEU A 39 -30.22 -2.99 -16.89
C LEU A 39 -30.33 -3.81 -15.61
N LYS A 40 -29.97 -3.18 -14.49
CA LYS A 40 -30.25 -3.61 -13.13
C LYS A 40 -31.21 -4.81 -13.02
N ASP A 41 -32.35 -4.71 -13.69
CA ASP A 41 -33.42 -5.66 -13.53
C ASP A 41 -33.37 -6.83 -14.50
N LYS A 42 -32.51 -6.75 -15.50
CA LYS A 42 -32.45 -7.80 -16.51
C LYS A 42 -31.34 -8.79 -16.15
N ILE A 43 -30.99 -8.89 -14.88
CA ILE A 43 -29.88 -9.74 -14.51
C ILE A 43 -30.10 -10.33 -13.12
N SER A 44 -30.02 -11.65 -13.05
CA SER A 44 -30.53 -12.33 -11.88
C SER A 44 -29.65 -11.99 -10.73
N PRO A 45 -30.24 -11.68 -9.57
CA PRO A 45 -29.45 -11.14 -8.48
C PRO A 45 -28.37 -12.11 -8.00
N GLU A 46 -28.51 -13.40 -8.32
CA GLU A 46 -27.42 -14.34 -8.17
C GLU A 46 -26.26 -13.82 -9.01
N ASP A 47 -26.38 -13.89 -10.33
CA ASP A 47 -25.34 -13.40 -11.23
C ASP A 47 -24.85 -12.02 -10.81
N LYS A 48 -25.77 -11.20 -10.33
CA LYS A 48 -25.44 -9.84 -9.91
C LYS A 48 -24.45 -9.88 -8.78
N LYS A 49 -24.70 -10.73 -7.80
CA LYS A 49 -23.80 -10.88 -6.67
C LYS A 49 -22.45 -11.43 -7.10
N LYS A 50 -22.49 -12.43 -7.99
CA LYS A 50 -21.28 -13.11 -8.45
C LYS A 50 -20.34 -12.13 -9.12
N ILE A 51 -20.90 -11.30 -9.98
CA ILE A 51 -20.19 -10.22 -10.59
C ILE A 51 -19.71 -9.23 -9.56
N GLU A 52 -20.57 -8.79 -8.67
CA GLU A 52 -20.14 -7.80 -7.68
C GLU A 52 -19.00 -8.35 -6.86
N ASP A 53 -19.07 -9.62 -6.48
CA ASP A 53 -18.05 -10.24 -5.63
C ASP A 53 -16.71 -10.37 -6.34
N LYS A 54 -16.67 -10.90 -7.57
CA LYS A 54 -15.40 -10.97 -8.34
C LYS A 54 -14.86 -9.58 -8.57
N CYS A 55 -15.72 -8.67 -8.98
CA CYS A 55 -15.26 -7.33 -9.23
C CYS A 55 -14.67 -6.75 -7.95
N ASP A 56 -15.46 -6.63 -6.91
CA ASP A 56 -14.96 -6.13 -5.63
C ASP A 56 -13.61 -6.76 -5.27
N GLU A 57 -13.54 -8.09 -5.33
CA GLU A 57 -12.31 -8.82 -5.01
C GLU A 57 -11.12 -8.31 -5.81
N ILE A 58 -11.24 -8.38 -7.13
CA ILE A 58 -10.14 -8.02 -8.03
C ILE A 58 -9.71 -6.60 -7.77
N LEU A 59 -10.68 -5.71 -7.70
CA LEU A 59 -10.35 -4.34 -7.38
C LEU A 59 -9.49 -4.25 -6.09
N LYS A 60 -9.88 -4.98 -5.05
CA LYS A 60 -9.05 -5.00 -3.85
C LYS A 60 -7.62 -5.49 -4.15
N TRP A 61 -7.51 -6.57 -4.91
CA TRP A 61 -6.20 -7.11 -5.27
C TRP A 61 -5.41 -6.02 -6.00
N LEU A 62 -6.00 -5.51 -7.07
CA LEU A 62 -5.42 -4.49 -7.92
C LEU A 62 -4.92 -3.37 -7.07
N ASP A 63 -5.75 -3.02 -6.09
CA ASP A 63 -5.39 -1.98 -5.16
C ASP A 63 -4.19 -2.28 -4.34
N SER A 64 -4.06 -3.50 -3.87
CA SER A 64 -2.91 -3.83 -3.07
C SER A 64 -1.60 -4.00 -3.88
N ASN A 65 -1.69 -3.89 -5.20
CA ASN A 65 -0.70 -4.50 -6.04
C ASN A 65 -0.15 -3.73 -7.19
N GLN A 66 -0.96 -2.93 -7.84
CA GLN A 66 -0.45 -2.06 -8.93
C GLN A 66 0.85 -2.52 -9.74
N THR A 67 1.33 -3.77 -9.54
CA THR A 67 2.48 -4.30 -10.32
C THR A 67 2.65 -5.80 -10.51
N ALA A 68 2.18 -6.58 -9.54
CA ALA A 68 2.63 -7.97 -9.41
C ALA A 68 2.74 -8.81 -10.71
N GLU A 69 3.87 -9.54 -10.82
CA GLU A 69 4.31 -10.29 -12.03
C GLU A 69 3.15 -10.84 -12.81
N LYS A 70 3.20 -10.71 -14.13
CA LYS A 70 2.03 -10.87 -14.97
C LYS A 70 1.55 -12.29 -14.98
N GLU A 71 2.50 -13.21 -15.16
CA GLU A 71 2.23 -14.64 -15.36
C GLU A 71 1.22 -15.18 -14.33
N GLU A 72 0.17 -14.37 -14.06
CA GLU A 72 -0.77 -14.59 -12.94
C GLU A 72 -1.65 -13.39 -12.69
N PHE A 73 -1.14 -12.20 -12.90
CA PHE A 73 -2.01 -11.05 -13.02
C PHE A 73 -3.09 -11.45 -14.01
N GLU A 74 -2.67 -12.16 -15.06
CA GLU A 74 -3.59 -12.77 -16.03
C GLU A 74 -4.61 -13.69 -15.35
N HIS A 75 -4.13 -14.62 -14.50
CA HIS A 75 -5.04 -15.50 -13.74
C HIS A 75 -6.18 -14.61 -13.27
N GLN A 76 -5.84 -13.55 -12.55
CA GLN A 76 -6.86 -12.69 -11.94
C GLN A 76 -7.81 -12.09 -12.97
N GLN A 77 -7.30 -11.85 -14.17
CA GLN A 77 -8.12 -11.31 -15.23
C GLN A 77 -9.05 -12.39 -15.71
N LYS A 78 -8.46 -13.44 -16.25
CA LYS A 78 -9.22 -14.53 -16.84
C LYS A 78 -10.26 -15.08 -15.87
N ASP A 79 -9.90 -15.12 -14.59
CA ASP A 79 -10.84 -15.49 -13.53
C ASP A 79 -12.09 -14.68 -13.74
N LEU A 80 -11.97 -13.35 -13.75
CA LEU A 80 -13.13 -12.48 -13.89
C LEU A 80 -13.76 -12.48 -15.29
N GLU A 81 -12.95 -12.53 -16.33
CA GLU A 81 -13.49 -12.69 -17.67
C GLU A 81 -14.44 -13.89 -17.68
N GLY A 82 -13.95 -15.03 -17.15
CA GLY A 82 -14.72 -16.29 -17.09
C GLY A 82 -16.11 -16.15 -16.53
N LEU A 83 -16.27 -15.33 -15.49
CA LEU A 83 -17.58 -14.96 -14.97
C LEU A 83 -18.31 -14.06 -15.91
N ALA A 84 -17.87 -12.82 -16.00
CA ALA A 84 -18.59 -11.81 -16.76
C ALA A 84 -19.19 -12.28 -18.09
N ASN A 85 -18.32 -12.65 -19.02
CA ASN A 85 -18.70 -12.69 -20.41
C ASN A 85 -19.97 -13.48 -20.63
N PRO A 86 -20.00 -14.74 -20.16
CA PRO A 86 -21.26 -15.51 -20.21
C PRO A 86 -22.50 -14.78 -19.67
N ILE A 87 -22.33 -14.07 -18.54
CA ILE A 87 -23.43 -13.38 -17.88
C ILE A 87 -23.88 -12.24 -18.76
N ILE A 88 -22.95 -11.36 -19.08
CA ILE A 88 -23.30 -10.18 -19.85
C ILE A 88 -23.62 -10.51 -21.32
N SER A 89 -23.24 -11.71 -21.79
CA SER A 89 -23.74 -12.15 -23.11
C SER A 89 -25.25 -12.26 -23.08
N LYS A 90 -25.75 -13.16 -22.23
CA LYS A 90 -27.18 -13.31 -21.95
C LYS A 90 -27.82 -11.94 -21.70
N LEU A 91 -27.11 -11.08 -20.96
CA LEU A 91 -27.61 -9.75 -20.66
C LEU A 91 -27.90 -8.99 -21.91
N TYR A 92 -27.02 -8.99 -22.91
CA TYR A 92 -27.45 -8.35 -24.18
C TYR A 92 -28.50 -9.18 -24.88
N GLN A 93 -29.63 -9.25 -24.16
CA GLN A 93 -30.96 -9.51 -24.68
C GLN A 93 -31.70 -8.17 -24.50
N SER A 94 -31.25 -7.18 -25.28
CA SER A 94 -31.96 -5.93 -25.53
C SER A 94 -33.11 -6.17 -26.49
N GLY B 13 -10.42 -16.60 -5.63
CA GLY B 13 -10.24 -16.70 -4.14
C GLY B 13 -8.84 -17.19 -3.73
N LEU B 14 -7.96 -16.31 -3.24
CA LEU B 14 -8.16 -14.88 -2.92
C LEU B 14 -8.96 -14.65 -1.64
N VAL B 15 -8.22 -14.52 -0.55
CA VAL B 15 -8.76 -14.39 0.78
C VAL B 15 -9.62 -13.18 0.92
N PRO B 16 -10.67 -13.28 1.73
CA PRO B 16 -11.52 -12.15 1.99
C PRO B 16 -11.12 -11.57 3.32
N ARG B 17 -11.73 -10.46 3.69
CA ARG B 17 -11.24 -9.66 4.79
C ARG B 17 -11.21 -10.46 6.07
N GLY B 18 -12.34 -11.04 6.38
CA GLY B 18 -12.41 -11.79 7.59
C GLY B 18 -11.08 -12.43 7.93
N SER B 19 -10.60 -13.26 7.04
CA SER B 19 -9.38 -14.02 7.32
C SER B 19 -8.24 -13.03 7.58
N HIS B 20 -8.17 -12.03 6.75
CA HIS B 20 -7.17 -11.04 6.94
C HIS B 20 -7.19 -10.42 8.32
N MET B 21 -8.36 -10.16 8.87
CA MET B 21 -8.42 -9.56 10.20
C MET B 21 -7.98 -10.63 11.17
N GLY B 22 -8.40 -11.87 10.88
CA GLY B 22 -8.14 -13.03 11.75
C GLY B 22 -6.67 -13.28 11.98
N LEU B 23 -5.88 -13.18 10.94
CA LEU B 23 -4.48 -13.35 11.15
C LEU B 23 -3.95 -12.14 11.88
N GLU B 24 -4.13 -10.94 11.32
CA GLU B 24 -3.70 -9.73 11.99
C GLU B 24 -3.98 -9.93 13.48
N SER B 25 -5.19 -10.36 13.81
CA SER B 25 -5.59 -10.51 15.21
C SER B 25 -4.72 -11.49 16.03
N TYR B 26 -4.69 -12.76 15.62
CA TYR B 26 -3.75 -13.75 16.14
C TYR B 26 -2.39 -13.11 16.34
N ALA B 27 -1.74 -12.74 15.23
CA ALA B 27 -0.45 -12.11 15.27
C ALA B 27 -0.43 -11.06 16.33
N PHE B 28 -1.43 -10.21 16.36
CA PHE B 28 -1.41 -9.10 17.28
C PHE B 28 -1.39 -9.53 18.71
N ASN B 29 -2.15 -10.58 18.99
CA ASN B 29 -2.39 -11.07 20.35
C ASN B 29 -1.31 -11.90 20.95
N LEU B 30 -0.80 -12.84 20.17
CA LEU B 30 0.45 -13.44 20.54
C LEU B 30 1.31 -12.33 21.08
N LYS B 31 1.48 -11.24 20.32
CA LYS B 31 2.34 -10.17 20.82
C LYS B 31 1.89 -9.70 22.23
N GLN B 32 0.66 -9.23 22.38
CA GLN B 32 0.19 -8.71 23.68
C GLN B 32 0.49 -9.67 24.79
N THR B 33 0.22 -10.95 24.53
CA THR B 33 0.41 -12.03 25.50
C THR B 33 1.83 -12.17 25.99
N ILE B 34 2.72 -12.35 25.03
CA ILE B 34 4.14 -12.36 25.25
C ILE B 34 4.67 -11.20 26.08
N GLU B 35 4.06 -10.03 25.97
CA GLU B 35 4.56 -8.87 26.72
C GLU B 35 3.66 -8.50 27.88
N ASP B 36 2.71 -9.36 28.20
CA ASP B 36 1.86 -9.11 29.34
C ASP B 36 2.65 -9.32 30.61
N GLU B 37 2.84 -8.25 31.36
CA GLU B 37 3.46 -8.32 32.68
C GLU B 37 3.24 -9.65 33.48
N LYS B 38 2.00 -10.14 33.54
CA LYS B 38 1.70 -11.37 34.27
C LYS B 38 2.32 -12.65 33.63
N LEU B 39 2.90 -12.55 32.44
CA LEU B 39 3.45 -13.72 31.70
C LEU B 39 4.86 -13.54 31.11
N LYS B 40 5.11 -12.33 30.62
CA LYS B 40 6.44 -11.78 30.28
C LYS B 40 7.63 -12.61 30.74
N ASP B 41 7.61 -13.01 32.01
CA ASP B 41 8.75 -13.64 32.63
C ASP B 41 8.73 -15.15 32.57
N LYS B 42 7.61 -15.74 32.18
CA LYS B 42 7.51 -17.20 32.13
C LYS B 42 7.87 -17.75 30.75
N ILE B 43 8.61 -16.98 29.96
CA ILE B 43 8.83 -17.33 28.57
C ILE B 43 10.22 -16.89 28.15
N SER B 44 10.98 -17.85 27.66
CA SER B 44 12.40 -17.63 27.50
C SER B 44 12.58 -16.60 26.43
N PRO B 45 13.47 -15.62 26.66
CA PRO B 45 13.54 -14.49 25.76
C PRO B 45 13.96 -14.90 24.36
N GLU B 46 14.53 -16.10 24.19
CA GLU B 46 14.67 -16.71 22.87
C GLU B 46 13.30 -16.85 22.24
N ASP B 47 12.49 -17.75 22.78
CA ASP B 47 11.12 -17.94 22.30
C ASP B 47 10.40 -16.62 22.15
N LYS B 48 10.66 -15.68 23.05
CA LYS B 48 10.03 -14.36 23.03
C LYS B 48 10.38 -13.63 21.75
N LYS B 49 11.66 -13.69 21.40
CA LYS B 49 12.13 -13.04 20.19
C LYS B 49 11.55 -13.72 18.96
N LYS B 50 11.52 -15.06 18.97
CA LYS B 50 11.06 -15.85 17.82
C LYS B 50 9.62 -15.53 17.48
N ILE B 51 8.82 -15.45 18.52
CA ILE B 51 7.45 -15.00 18.42
C ILE B 51 7.42 -13.58 17.93
N GLU B 52 8.15 -12.69 18.55
CA GLU B 52 8.04 -11.29 18.16
C GLU B 52 8.38 -11.14 16.68
N ASP B 53 9.38 -11.88 16.23
CA ASP B 53 9.90 -11.76 14.86
C ASP B 53 8.88 -12.28 13.88
N LYS B 54 8.34 -13.48 14.10
CA LYS B 54 7.28 -14.02 13.19
C LYS B 54 6.09 -13.09 13.17
N CYS B 55 5.66 -12.69 14.34
CA CYS B 55 4.51 -11.85 14.44
C CYS B 55 4.80 -10.58 13.67
N ASP B 56 5.81 -9.82 14.06
CA ASP B 56 6.16 -8.59 13.34
C ASP B 56 6.21 -8.79 11.82
N GLU B 57 6.87 -9.86 11.38
CA GLU B 57 6.95 -10.20 9.95
C GLU B 57 5.57 -10.30 9.33
N ILE B 58 4.75 -11.22 9.83
CA ILE B 58 3.43 -11.50 9.25
C ILE B 58 2.59 -10.26 9.22
N LEU B 59 2.54 -9.56 10.33
CA LEU B 59 1.84 -8.29 10.34
C LEU B 59 2.31 -7.40 9.18
N LYS B 60 3.62 -7.28 8.95
CA LYS B 60 4.09 -6.48 7.82
C LYS B 60 3.52 -7.00 6.50
N TRP B 61 3.55 -8.32 6.33
CA TRP B 61 3.01 -8.95 5.13
C TRP B 61 1.54 -8.63 4.96
N LEU B 62 0.80 -8.94 6.00
CA LEU B 62 -0.63 -8.68 6.09
C LEU B 62 -0.93 -7.28 5.71
N ASP B 63 -0.09 -6.38 6.20
CA ASP B 63 -0.18 -4.96 5.88
C ASP B 63 -0.02 -4.66 4.42
N SER B 64 0.96 -5.29 3.79
CA SER B 64 1.20 -5.01 2.39
C SER B 64 0.20 -5.67 1.46
N ASN B 65 -0.74 -6.42 2.02
CA ASN B 65 -1.43 -7.40 1.25
C ASN B 65 -2.94 -7.54 1.35
N GLN B 66 -3.48 -7.37 2.55
CA GLN B 66 -4.93 -7.41 2.71
C GLN B 66 -5.79 -8.27 1.69
N THR B 67 -5.16 -9.07 0.83
CA THR B 67 -5.90 -9.95 -0.09
C THR B 67 -5.22 -11.23 -0.61
N ALA B 68 -3.91 -11.17 -0.82
CA ALA B 68 -3.25 -12.14 -1.70
C ALA B 68 -3.73 -13.62 -1.59
N GLU B 69 -3.89 -14.25 -2.77
CA GLU B 69 -4.48 -15.58 -2.99
C GLU B 69 -4.19 -16.53 -1.85
N LYS B 70 -5.19 -17.29 -1.44
CA LYS B 70 -5.14 -17.97 -0.15
C LYS B 70 -4.11 -19.06 -0.16
N GLU B 71 -4.13 -19.87 -1.22
CA GLU B 71 -3.34 -21.10 -1.33
C GLU B 71 -1.86 -20.87 -0.91
N GLU B 72 -1.67 -20.09 0.16
CA GLU B 72 -0.37 -19.55 0.55
C GLU B 72 -0.50 -18.48 1.61
N PHE B 73 -1.55 -17.70 1.57
CA PHE B 73 -1.89 -16.94 2.74
C PHE B 73 -1.86 -17.90 3.92
N GLU B 74 -2.36 -19.12 3.68
CA GLU B 74 -2.27 -20.22 4.64
C GLU B 74 -0.82 -20.52 5.03
N HIS B 75 0.08 -20.66 4.06
CA HIS B 75 1.51 -20.82 4.37
C HIS B 75 1.84 -19.85 5.49
N GLN B 76 1.57 -18.57 5.27
CA GLN B 76 1.94 -17.54 6.22
C GLN B 76 1.33 -17.77 7.58
N GLN B 77 0.12 -18.33 7.62
CA GLN B 77 -0.53 -18.62 8.89
C GLN B 77 0.16 -19.79 9.54
N LYS B 78 0.13 -20.94 8.89
CA LYS B 78 0.68 -22.15 9.44
C LYS B 78 2.13 -21.95 9.87
N ASP B 79 2.87 -21.15 9.09
CA ASP B 79 4.25 -20.77 9.47
C ASP B 79 4.20 -20.32 10.92
N LEU B 80 3.37 -19.32 11.21
CA LEU B 80 3.30 -18.75 12.56
C LEU B 80 2.64 -19.68 13.56
N GLU B 81 1.59 -20.37 13.17
CA GLU B 81 1.00 -21.35 14.06
C GLU B 81 2.07 -22.30 14.55
N GLY B 82 2.89 -22.79 13.62
CA GLY B 82 3.99 -23.74 13.91
C GLY B 82 4.94 -23.32 15.02
N LEU B 83 5.23 -22.01 15.08
CA LEU B 83 5.99 -21.41 16.17
C LEU B 83 5.16 -21.32 17.43
N ALA B 84 4.17 -20.44 17.42
CA ALA B 84 3.40 -20.15 18.61
C ALA B 84 3.01 -21.38 19.44
N ASN B 85 2.23 -22.26 18.85
CA ASN B 85 1.46 -23.20 19.65
C ASN B 85 2.34 -23.95 20.62
N PRO B 86 3.41 -24.60 20.12
CA PRO B 86 4.38 -25.27 21.04
C PRO B 86 4.92 -24.39 22.20
N ILE B 87 5.19 -23.12 21.89
CA ILE B 87 5.74 -22.18 22.85
C ILE B 87 4.70 -21.90 23.88
N ILE B 88 3.55 -21.40 23.42
CA ILE B 88 2.47 -21.01 24.33
C ILE B 88 1.80 -22.21 25.00
N SER B 89 1.99 -23.42 24.48
CA SER B 89 1.56 -24.62 25.22
C SER B 89 2.33 -24.70 26.53
N LYS B 90 3.64 -24.85 26.39
CA LYS B 90 4.54 -24.81 27.54
C LYS B 90 4.20 -23.62 28.41
N LEU B 91 3.91 -22.48 27.80
CA LEU B 91 3.60 -21.29 28.57
C LEU B 91 2.42 -21.51 29.47
N TYR B 92 1.34 -22.15 29.04
CA TYR B 92 0.29 -22.45 30.04
C TYR B 92 0.76 -23.55 30.96
N GLN B 93 1.79 -23.17 31.71
CA GLN B 93 2.17 -23.73 32.99
C GLN B 93 1.87 -22.61 34.00
N SER B 94 0.56 -22.34 34.15
CA SER B 94 0.00 -21.56 35.25
C SER B 94 -0.02 -22.44 36.49
N GLY C 13 10.11 -16.46 6.36
CA GLY C 13 11.10 -15.57 5.68
C GLY C 13 11.04 -15.67 4.16
N LEU C 14 10.50 -14.68 3.47
CA LEU C 14 10.02 -13.37 3.97
C LEU C 14 11.14 -12.44 4.31
N VAL C 15 11.46 -11.60 3.34
CA VAL C 15 12.53 -10.64 3.39
C VAL C 15 12.33 -9.61 4.47
N PRO C 16 13.41 -9.20 5.15
CA PRO C 16 13.33 -8.19 6.17
C PRO C 16 13.74 -6.88 5.55
N ARG C 17 13.64 -5.81 6.31
CA ARG C 17 13.76 -4.50 5.73
C ARG C 17 15.08 -4.28 5.03
N GLY C 18 16.15 -4.55 5.73
CA GLY C 18 17.46 -4.34 5.15
C GLY C 18 17.48 -4.58 3.66
N SER C 19 17.14 -5.80 3.28
CA SER C 19 17.22 -6.20 1.91
C SER C 19 16.35 -5.25 1.10
N HIS C 20 15.16 -5.00 1.62
CA HIS C 20 14.26 -4.08 0.96
C HIS C 20 14.89 -2.71 0.72
N MET C 21 15.68 -2.20 1.63
CA MET C 21 16.29 -0.90 1.42
C MET C 21 17.34 -1.12 0.37
N GLY C 22 18.02 -2.26 0.49
CA GLY C 22 19.14 -2.60 -0.40
C GLY C 22 18.78 -2.59 -1.85
N LEU C 23 17.66 -3.18 -2.19
CA LEU C 23 17.29 -3.17 -3.57
C LEU C 23 16.91 -1.74 -3.88
N GLU C 24 15.94 -1.16 -3.17
CA GLU C 24 15.52 0.22 -3.43
C GLU C 24 16.79 1.04 -3.73
N SER C 25 17.79 0.85 -2.91
CA SER C 25 19.00 1.62 -3.06
C SER C 25 19.73 1.38 -4.38
N TYR C 26 20.12 0.14 -4.65
CA TYR C 26 20.65 -0.26 -5.97
C TYR C 26 19.83 0.37 -7.10
N ALA C 27 18.56 -0.02 -7.20
CA ALA C 27 17.66 0.53 -8.20
C ALA C 27 17.80 2.03 -8.27
N PHE C 28 17.78 2.68 -7.13
CA PHE C 28 17.79 4.11 -7.10
C PHE C 28 19.02 4.68 -7.71
N ASN C 29 20.14 4.03 -7.43
CA ASN C 29 21.46 4.52 -7.81
C ASN C 29 21.81 4.29 -9.23
N LEU C 30 21.57 3.09 -9.71
CA LEU C 30 21.65 2.88 -11.12
C LEU C 30 21.03 4.09 -11.75
N LYS C 31 19.85 4.46 -11.31
CA LYS C 31 19.20 5.60 -11.95
C LYS C 31 20.11 6.84 -11.91
N GLN C 32 20.49 7.28 -10.71
CA GLN C 32 21.31 8.50 -10.55
C GLN C 32 22.50 8.46 -11.46
N THR C 33 23.15 7.30 -11.52
CA THR C 33 24.36 7.08 -12.30
C THR C 33 24.13 7.34 -13.76
N ILE C 34 23.18 6.61 -14.31
CA ILE C 34 22.71 6.76 -15.67
C ILE C 34 22.44 8.19 -16.08
N GLU C 35 21.95 9.00 -15.14
CA GLU C 35 21.59 10.39 -15.47
C GLU C 35 22.60 11.39 -14.93
N ASP C 36 23.73 10.91 -14.43
CA ASP C 36 24.76 11.82 -13.97
C ASP C 36 25.43 12.50 -15.14
N GLU C 37 25.27 13.81 -15.23
CA GLU C 37 25.91 14.60 -16.27
C GLU C 37 27.30 14.09 -16.74
N LYS C 38 28.16 13.68 -15.81
CA LYS C 38 29.51 13.17 -16.14
C LYS C 38 29.52 11.81 -16.89
N LEU C 39 28.37 11.13 -16.96
CA LEU C 39 28.26 9.77 -17.57
C LEU C 39 27.11 9.59 -18.58
N LYS C 40 25.96 10.19 -18.27
CA LYS C 40 24.84 10.45 -19.18
C LYS C 40 25.14 10.13 -20.65
N ASP C 41 26.25 10.65 -21.17
CA ASP C 41 26.53 10.57 -22.58
C ASP C 41 27.33 9.35 -23.00
N LYS C 42 27.89 8.62 -22.04
CA LYS C 42 28.71 7.48 -22.37
C LYS C 42 27.89 6.19 -22.36
N ILE C 43 26.58 6.30 -22.54
CA ILE C 43 25.72 5.14 -22.40
C ILE C 43 24.53 5.23 -23.35
N SER C 44 24.39 4.22 -24.19
CA SER C 44 23.55 4.32 -25.37
C SER C 44 22.12 4.42 -24.91
N PRO C 45 21.35 5.35 -25.48
CA PRO C 45 20.07 5.65 -24.90
C PRO C 45 19.15 4.46 -24.93
N GLU C 46 19.47 3.45 -25.72
CA GLU C 46 18.82 2.15 -25.58
C GLU C 46 19.08 1.62 -24.18
N ASP C 47 20.30 1.23 -23.91
CA ASP C 47 20.67 0.73 -22.59
C ASP C 47 20.13 1.65 -21.50
N LYS C 48 20.12 2.95 -21.76
CA LYS C 48 19.67 3.94 -20.79
C LYS C 48 18.22 3.71 -20.47
N LYS C 49 17.43 3.48 -21.50
CA LYS C 49 16.01 3.20 -21.31
C LYS C 49 15.80 1.88 -20.57
N LYS C 50 16.58 0.86 -20.93
CA LYS C 50 16.41 -0.49 -20.42
C LYS C 50 16.64 -0.46 -18.93
N ILE C 51 17.70 0.23 -18.54
CA ILE C 51 17.99 0.47 -17.14
C ILE C 51 16.87 1.26 -16.49
N GLU C 52 16.46 2.37 -17.08
CA GLU C 52 15.44 3.17 -16.45
C GLU C 52 14.19 2.34 -16.24
N ASP C 53 13.83 1.50 -17.23
CA ASP C 53 12.59 0.72 -17.20
C ASP C 53 12.62 -0.36 -16.12
N LYS C 54 13.67 -1.17 -16.06
CA LYS C 54 13.81 -2.17 -14.97
C LYS C 54 13.82 -1.47 -13.62
N CYS C 55 14.59 -0.41 -13.52
CA CYS C 55 14.70 0.31 -12.28
C CYS C 55 13.31 0.78 -11.88
N ASP C 56 12.73 1.65 -12.68
CA ASP C 56 11.40 2.14 -12.39
C ASP C 56 10.44 1.01 -11.96
N GLU C 57 10.46 -0.08 -12.72
CA GLU C 57 9.61 -1.26 -12.44
C GLU C 57 9.83 -1.76 -11.03
N ILE C 58 11.07 -2.17 -10.76
CA ILE C 58 11.40 -2.80 -9.48
C ILE C 58 11.02 -1.87 -8.37
N LEU C 59 11.43 -0.63 -8.46
CA LEU C 59 11.05 0.33 -7.45
C LEU C 59 9.51 0.33 -7.21
N LYS C 60 8.73 0.30 -8.28
CA LYS C 60 7.28 0.20 -8.09
C LYS C 60 6.94 -1.09 -7.30
N TRP C 61 7.54 -2.20 -7.69
CA TRP C 61 7.27 -3.44 -7.01
C TRP C 61 7.62 -3.27 -5.55
N LEU C 62 8.87 -2.88 -5.29
CA LEU C 62 9.40 -2.68 -3.94
C LEU C 62 8.47 -1.85 -3.13
N ASP C 63 7.91 -0.84 -3.78
CA ASP C 63 6.96 0.05 -3.17
C ASP C 63 5.70 -0.61 -2.75
N SER C 64 5.18 -1.48 -3.59
CA SER C 64 3.94 -2.15 -3.25
C SER C 64 4.10 -3.29 -2.24
N ASN C 65 5.33 -3.52 -1.80
CA ASN C 65 5.68 -4.81 -1.23
C ASN C 65 6.52 -4.89 0.01
N GLN C 66 7.46 -3.99 0.17
CA GLN C 66 8.23 -3.94 1.40
C GLN C 66 8.40 -5.29 2.25
N THR C 67 7.97 -6.45 1.73
CA THR C 67 8.16 -7.72 2.46
C THR C 67 8.22 -9.01 1.66
N ALA C 68 7.50 -9.07 0.55
CA ALA C 68 7.13 -10.35 -0.06
C ALA C 68 8.22 -11.46 -0.11
N GLU C 69 7.82 -12.70 0.28
CA GLU C 69 8.68 -13.88 0.46
C GLU C 69 9.88 -13.88 -0.48
N LYS C 70 11.04 -14.22 0.06
CA LYS C 70 12.30 -13.92 -0.60
C LYS C 70 12.48 -14.75 -1.85
N GLU C 71 12.18 -16.03 -1.72
CA GLU C 71 12.43 -17.04 -2.75
C GLU C 71 11.96 -16.57 -4.13
N GLU C 72 12.19 -15.28 -4.43
CA GLU C 72 11.56 -14.58 -5.56
C GLU C 72 11.77 -13.07 -5.51
N PHE C 73 11.78 -12.53 -4.31
CA PHE C 73 12.32 -11.20 -4.15
C PHE C 73 13.67 -11.20 -4.87
N GLU C 74 14.40 -12.30 -4.69
CA GLU C 74 15.63 -12.54 -5.42
C GLU C 74 15.43 -12.48 -6.94
N HIS C 75 14.42 -13.18 -7.46
CA HIS C 75 14.11 -13.10 -8.90
C HIS C 75 14.20 -11.64 -9.30
N GLN C 76 13.44 -10.80 -8.60
CA GLN C 76 13.35 -9.39 -8.94
C GLN C 76 14.73 -8.69 -8.92
N GLN C 77 15.59 -9.12 -8.03
CA GLN C 77 16.91 -8.55 -7.93
C GLN C 77 17.69 -9.02 -9.11
N LYS C 78 17.89 -10.33 -9.21
CA LYS C 78 18.72 -10.92 -10.25
C LYS C 78 18.27 -10.46 -11.63
N ASP C 79 16.96 -10.33 -11.81
CA ASP C 79 16.41 -9.77 -13.04
C ASP C 79 17.18 -8.50 -13.36
N LEU C 80 17.19 -7.56 -12.42
CA LEU C 80 17.84 -6.26 -12.64
C LEU C 80 19.35 -6.35 -12.66
N GLU C 81 19.94 -7.17 -11.79
CA GLU C 81 21.37 -7.37 -11.84
C GLU C 81 21.77 -7.76 -13.25
N GLY C 82 21.05 -8.74 -13.80
CA GLY C 82 21.29 -9.24 -15.16
C GLY C 82 21.38 -8.19 -16.25
N LEU C 83 20.56 -7.15 -16.13
CA LEU C 83 20.64 -5.97 -16.99
C LEU C 83 21.85 -5.12 -16.62
N ALA C 84 21.79 -4.48 -15.45
CA ALA C 84 22.80 -3.51 -15.06
C ALA C 84 24.24 -3.94 -15.38
N ASN C 85 24.68 -5.00 -14.72
CA ASN C 85 26.09 -5.22 -14.60
C ASN C 85 26.81 -5.17 -15.93
N PRO C 86 26.36 -5.95 -16.92
CA PRO C 86 26.94 -5.86 -18.28
C PRO C 86 26.99 -4.46 -18.90
N ILE C 87 25.96 -3.66 -18.67
CA ILE C 87 25.86 -2.30 -19.19
C ILE C 87 26.88 -1.43 -18.50
N ILE C 88 26.79 -1.39 -17.19
CA ILE C 88 27.68 -0.54 -16.42
C ILE C 88 29.13 -1.07 -16.41
N SER C 89 29.35 -2.33 -16.74
CA SER C 89 30.72 -2.79 -16.95
C SER C 89 31.32 -2.00 -18.08
N LYS C 90 30.73 -2.14 -19.26
CA LYS C 90 31.11 -1.37 -20.45
C LYS C 90 31.20 0.12 -20.11
N LEU C 91 30.25 0.59 -19.31
CA LEU C 91 30.26 1.99 -18.91
C LEU C 91 31.57 2.35 -18.24
N TYR C 92 32.09 1.58 -17.29
CA TYR C 92 33.44 1.93 -16.80
C TYR C 92 34.46 1.67 -17.86
N GLN C 93 34.30 2.46 -18.92
CA GLN C 93 35.33 2.87 -19.83
C GLN C 93 35.51 4.38 -19.54
N SER C 94 36.08 4.66 -18.35
CA SER C 94 36.68 5.95 -17.99
C SER C 94 38.03 6.10 -18.67
N GLY D 13 4.71 19.21 -4.78
CA GLY D 13 5.79 18.66 -3.86
C GLY D 13 5.42 18.65 -2.37
N LEU D 14 5.15 17.49 -1.76
CA LEU D 14 5.24 16.12 -2.30
C LEU D 14 6.66 15.65 -2.43
N VAL D 15 7.06 14.93 -1.38
CA VAL D 15 8.41 14.43 -1.23
C VAL D 15 8.77 13.45 -2.31
N PRO D 16 10.06 13.45 -2.73
CA PRO D 16 10.54 12.52 -3.71
C PRO D 16 11.27 11.41 -3.00
N ARG D 17 11.66 10.41 -3.74
CA ARG D 17 12.08 9.19 -3.11
C ARG D 17 13.25 9.43 -2.19
N GLY D 18 14.30 10.07 -2.70
CA GLY D 18 15.45 10.31 -1.87
C GLY D 18 15.08 10.46 -0.39
N SER D 19 14.30 11.49 -0.10
CA SER D 19 13.98 11.82 1.26
C SER D 19 13.36 10.61 1.91
N HIS D 20 12.45 9.99 1.20
CA HIS D 20 11.83 8.78 1.73
C HIS D 20 12.84 7.68 2.13
N MET D 21 13.90 7.51 1.37
CA MET D 21 14.85 6.49 1.72
C MET D 21 15.57 7.03 2.92
N GLY D 22 15.82 8.34 2.89
CA GLY D 22 16.58 9.00 3.96
C GLY D 22 15.98 8.81 5.33
N LEU D 23 14.67 8.95 5.43
CA LEU D 23 14.08 8.78 6.72
C LEU D 23 14.14 7.31 7.06
N GLU D 24 13.59 6.46 6.19
CA GLU D 24 13.63 5.00 6.42
C GLU D 24 15.01 4.68 6.99
N SER D 25 16.05 5.22 6.34
CA SER D 25 17.43 4.93 6.73
C SER D 25 17.79 5.36 8.16
N TYR D 26 17.69 6.66 8.43
CA TYR D 26 17.78 7.16 9.81
C TYR D 26 17.03 6.22 10.76
N ALA D 27 15.71 6.18 10.63
CA ALA D 27 14.89 5.33 11.46
C ALA D 27 15.52 3.98 11.60
N PHE D 28 15.94 3.40 10.49
CA PHE D 28 16.44 2.05 10.51
C PHE D 28 17.64 1.93 11.35
N ASN D 29 18.50 2.92 11.25
CA ASN D 29 19.81 2.88 11.88
C ASN D 29 19.80 3.16 13.35
N LEU D 30 19.09 4.20 13.74
CA LEU D 30 18.84 4.38 15.13
C LEU D 30 18.54 3.00 15.68
N LYS D 31 17.65 2.26 15.04
CA LYS D 31 17.33 0.94 15.58
C LYS D 31 18.59 0.10 15.71
N GLN D 32 19.32 -0.14 14.61
CA GLN D 32 20.53 -0.99 14.66
C GLN D 32 21.47 -0.60 15.78
N THR D 33 21.65 0.72 15.93
CA THR D 33 22.53 1.32 16.92
C THR D 33 22.15 0.95 18.34
N ILE D 34 20.92 1.29 18.68
CA ILE D 34 20.30 0.92 19.94
C ILE D 34 20.46 -0.55 20.34
N GLU D 35 20.48 -1.44 19.36
CA GLU D 35 20.54 -2.86 19.66
C GLU D 35 21.90 -3.43 19.34
N ASP D 36 22.86 -2.56 19.03
CA ASP D 36 24.22 -3.04 18.81
C ASP D 36 24.86 -3.51 20.11
N GLU D 37 25.14 -4.79 20.20
CA GLU D 37 25.82 -5.35 21.35
C GLU D 37 26.84 -4.39 22.04
N LYS D 38 27.69 -3.71 21.27
CA LYS D 38 28.69 -2.80 21.86
C LYS D 38 28.09 -1.52 22.51
N LEU D 39 26.78 -1.29 22.39
CA LEU D 39 26.09 -0.08 22.91
C LEU D 39 24.79 -0.34 23.68
N LYS D 40 24.02 -1.30 23.19
CA LYS D 40 22.91 -1.94 23.89
C LYS D 40 22.79 -1.57 25.39
N ASP D 41 23.89 -1.69 26.11
CA ASP D 41 23.85 -1.57 27.54
C ASP D 41 24.11 -0.16 28.04
N LYS D 42 24.53 0.74 27.18
CA LYS D 42 24.85 2.08 27.61
C LYS D 42 23.66 3.00 27.41
N ILE D 43 22.45 2.45 27.37
CA ILE D 43 21.28 3.25 27.04
C ILE D 43 20.05 2.74 27.77
N SER D 44 19.41 3.64 28.53
CA SER D 44 18.46 3.19 29.51
C SER D 44 17.30 2.61 28.80
N PRO D 45 16.79 1.47 29.25
CA PRO D 45 15.79 0.76 28.47
C PRO D 45 14.53 1.57 28.28
N GLU D 46 14.31 2.59 29.11
CA GLU D 46 13.30 3.60 28.82
C GLU D 46 13.62 4.22 27.47
N ASP D 47 14.67 5.02 27.42
CA ASP D 47 15.07 5.66 26.15
C ASP D 47 15.10 4.65 25.00
N LYS D 48 15.49 3.41 25.30
CA LYS D 48 15.58 2.35 24.31
C LYS D 48 14.22 2.10 23.72
N LYS D 49 13.22 1.99 24.58
CA LYS D 49 11.85 1.78 24.14
C LYS D 49 11.34 2.98 23.33
N LYS D 50 11.64 4.19 23.82
CA LYS D 50 11.13 5.41 23.22
C LYS D 50 11.63 5.53 21.81
N ILE D 51 12.91 5.24 21.63
CA ILE D 51 13.51 5.15 20.32
C ILE D 51 12.87 4.08 19.49
N GLU D 52 12.75 2.88 20.04
CA GLU D 52 12.19 1.78 19.26
C GLU D 52 10.77 2.11 18.81
N ASP D 53 10.00 2.73 19.69
CA ASP D 53 8.62 3.05 19.39
C ASP D 53 8.47 4.10 18.29
N LYS D 54 9.20 5.22 18.39
CA LYS D 54 9.19 6.25 17.32
C LYS D 54 9.69 5.67 16.03
N CYS D 55 10.77 4.93 16.10
CA CYS D 55 11.32 4.36 14.90
C CYS D 55 10.30 3.45 14.28
N ASP D 56 9.90 2.41 15.00
CA ASP D 56 8.88 1.49 14.48
C ASP D 56 7.69 2.24 13.84
N GLU D 57 7.15 3.22 14.57
CA GLU D 57 6.03 4.04 14.09
C GLU D 57 6.32 4.64 12.74
N ILE D 58 7.38 5.44 12.69
CA ILE D 58 7.72 6.18 11.48
C ILE D 58 7.92 5.23 10.33
N LEU D 59 8.68 4.20 10.57
CA LEU D 59 8.84 3.20 9.54
C LEU D 59 7.46 2.74 9.01
N LYS D 60 6.54 2.44 9.91
CA LYS D 60 5.21 2.07 9.43
C LYS D 60 4.59 3.17 8.53
N TRP D 61 4.67 4.40 9.00
CA TRP D 61 4.13 5.51 8.24
C TRP D 61 4.78 5.52 6.87
N LEU D 62 6.10 5.57 6.88
CA LEU D 62 6.92 5.60 5.67
C LEU D 62 6.50 4.52 4.72
N ASP D 63 6.24 3.37 5.30
CA ASP D 63 5.78 2.23 4.56
C ASP D 63 4.47 2.49 3.88
N SER D 64 3.53 3.08 4.61
CA SER D 64 2.22 3.29 4.03
C SER D 64 2.19 4.44 3.04
N ASN D 65 3.32 5.11 2.82
CA ASN D 65 3.28 6.43 2.27
C ASN D 65 4.25 6.81 1.18
N GLN D 66 5.46 6.32 1.25
CA GLN D 66 6.40 6.60 0.18
C GLN D 66 6.25 7.93 -0.67
N THR D 67 5.37 8.86 -0.29
CA THR D 67 5.24 10.16 -1.00
C THR D 67 4.69 11.37 -0.27
N ALA D 68 3.80 11.14 0.69
CA ALA D 68 2.90 12.18 1.18
C ALA D 68 3.51 13.60 1.38
N GLU D 69 2.78 14.64 0.93
CA GLU D 69 3.21 16.04 0.86
C GLU D 69 4.16 16.41 1.98
N LYS D 70 5.21 17.15 1.66
CA LYS D 70 6.34 17.28 2.56
C LYS D 70 5.99 18.08 3.80
N GLU D 71 5.31 19.20 3.58
CA GLU D 71 5.01 20.20 4.61
C GLU D 71 4.46 19.53 5.89
N GLU D 72 5.06 18.40 6.28
CA GLU D 72 4.53 17.50 7.30
C GLU D 72 5.23 16.17 7.31
N PHE D 73 5.65 15.69 6.15
CA PHE D 73 6.63 14.62 6.13
C PHE D 73 7.76 15.04 7.07
N GLU D 74 8.09 16.33 7.00
CA GLU D 74 9.01 16.96 7.95
C GLU D 74 8.54 16.77 9.39
N HIS D 75 7.29 17.10 9.71
CA HIS D 75 6.76 16.85 11.06
C HIS D 75 7.29 15.49 11.49
N GLN D 76 7.00 14.48 10.70
CA GLN D 76 7.35 13.11 11.07
C GLN D 76 8.84 12.95 11.34
N GLN D 77 9.65 13.69 10.61
CA GLN D 77 11.08 13.62 10.78
C GLN D 77 11.44 14.27 12.08
N LYS D 78 11.15 15.55 12.16
CA LYS D 78 11.53 16.34 13.32
C LYS D 78 11.02 15.73 14.63
N ASP D 79 9.83 15.12 14.56
CA ASP D 79 9.29 14.36 15.70
C ASP D 79 10.37 13.41 16.19
N LEU D 80 10.88 12.57 15.29
CA LEU D 80 11.89 11.56 15.64
C LEU D 80 13.28 12.16 15.93
N GLU D 81 13.69 13.16 15.16
CA GLU D 81 14.93 13.87 15.47
C GLU D 81 14.88 14.33 16.93
N GLY D 82 13.77 14.96 17.30
CA GLY D 82 13.54 15.48 18.65
C GLY D 82 13.83 14.48 19.75
N LEU D 83 13.42 13.23 19.53
CA LEU D 83 13.76 12.12 20.43
C LEU D 83 15.21 11.76 20.33
N ALA D 84 15.60 11.17 19.22
CA ALA D 84 16.92 10.62 19.06
C ALA D 84 18.05 11.51 19.61
N ASN D 85 18.23 12.69 19.02
CA ASN D 85 19.50 13.40 19.15
C ASN D 85 19.93 13.56 20.60
N PRO D 86 19.05 14.12 21.44
CA PRO D 86 19.37 14.15 22.89
C PRO D 86 19.80 12.82 23.52
N ILE D 87 19.16 11.72 23.14
CA ILE D 87 19.43 10.40 23.70
C ILE D 87 20.79 9.96 23.25
N ILE D 88 20.97 9.93 21.93
CA ILE D 88 22.22 9.44 21.36
C ILE D 88 23.36 10.44 21.57
N SER D 89 23.07 11.69 21.94
CA SER D 89 24.14 12.59 22.38
C SER D 89 24.78 12.03 23.63
N LYS D 90 23.96 11.93 24.68
CA LYS D 90 24.36 11.29 25.93
C LYS D 90 25.04 9.96 25.64
N LEU D 91 24.46 9.19 24.71
CA LEU D 91 25.03 7.89 24.37
C LEU D 91 26.48 8.01 23.97
N TYR D 92 26.86 8.97 23.11
CA TYR D 92 28.31 9.12 22.85
C TYR D 92 28.98 9.66 24.09
N GLN D 93 28.92 8.83 25.12
CA GLN D 93 29.85 8.79 26.22
C GLN D 93 30.61 7.47 26.04
N SER D 94 31.43 7.44 24.97
CA SER D 94 32.48 6.43 24.75
C SER D 94 33.69 6.74 25.64
N GLY E 13 2.52 10.56 17.33
CA GLY E 13 1.22 9.78 17.44
C GLY E 13 0.06 10.43 16.70
N LEU E 14 -0.37 9.90 15.57
CA LEU E 14 0.06 8.64 14.91
C LEU E 14 -0.45 7.41 15.59
N VAL E 15 -1.60 6.97 15.08
CA VAL E 15 -2.35 5.87 15.64
C VAL E 15 -1.58 4.59 15.61
N PRO E 16 -1.79 3.72 16.61
CA PRO E 16 -1.13 2.44 16.65
C PRO E 16 -2.13 1.41 16.18
N ARG E 17 -1.66 0.18 16.06
CA ARG E 17 -2.44 -0.81 15.37
C ARG E 17 -3.78 -1.03 16.02
N GLY E 18 -3.75 -1.29 17.31
CA GLY E 18 -4.97 -1.52 17.99
C GLY E 18 -6.14 -0.76 17.38
N SER E 19 -6.01 0.56 17.36
CA SER E 19 -7.10 1.41 16.91
C SER E 19 -7.41 1.03 15.48
N HIS E 20 -6.38 0.88 14.69
CA HIS E 20 -6.60 0.49 13.32
C HIS E 20 -7.42 -0.76 13.18
N MET E 21 -7.19 -1.76 14.00
CA MET E 21 -7.97 -2.99 13.90
C MET E 21 -9.37 -2.65 14.35
N GLY E 22 -9.46 -1.80 15.37
CA GLY E 22 -10.74 -1.42 15.98
C GLY E 22 -11.71 -0.77 15.02
N LEU E 23 -11.21 0.10 14.19
CA LEU E 23 -12.09 0.70 13.24
C LEU E 23 -12.42 -0.38 12.24
N GLU E 24 -11.41 -0.95 11.56
CA GLU E 24 -11.64 -2.03 10.58
C GLU E 24 -12.75 -2.93 11.16
N SER E 25 -12.63 -3.29 12.43
CA SER E 25 -13.62 -4.18 13.02
C SER E 25 -15.04 -3.63 13.08
N TYR E 26 -15.24 -2.51 13.75
CA TYR E 26 -16.51 -1.76 13.66
C TYR E 26 -17.04 -1.74 12.21
N ALA E 27 -16.32 -1.06 11.34
CA ALA E 27 -16.71 -1.02 9.95
C ALA E 27 -17.12 -2.37 9.48
N PHE E 28 -16.32 -3.38 9.71
CA PHE E 28 -16.60 -4.67 9.17
C PHE E 28 -17.90 -5.23 9.66
N ASN E 29 -18.20 -4.97 10.93
CA ASN E 29 -19.36 -5.55 11.60
C ASN E 29 -20.65 -4.90 11.34
N LEU E 30 -20.65 -3.57 11.38
CA LEU E 30 -21.78 -2.88 10.83
C LEU E 30 -22.15 -3.61 9.54
N LYS E 31 -21.20 -3.84 8.66
CA LYS E 31 -21.56 -4.53 7.42
C LYS E 31 -22.26 -5.87 7.70
N GLN E 32 -21.60 -6.79 8.41
CA GLN E 32 -22.20 -8.12 8.68
C GLN E 32 -23.63 -8.02 9.20
N THR E 33 -23.83 -7.08 10.12
CA THR E 33 -25.12 -6.85 10.79
C THR E 33 -26.21 -6.47 9.81
N ILE E 34 -25.94 -5.39 9.09
CA ILE E 34 -26.78 -4.94 8.02
C ILE E 34 -27.22 -6.01 7.02
N GLU E 35 -26.37 -7.00 6.78
CA GLU E 35 -26.70 -8.03 5.81
C GLU E 35 -27.02 -9.35 6.49
N ASP E 36 -27.19 -9.34 7.80
CA ASP E 36 -27.59 -10.56 8.49
C ASP E 36 -29.05 -10.88 8.21
N GLU E 37 -29.28 -11.99 7.53
CA GLU E 37 -30.62 -12.45 7.26
C GLU E 37 -31.69 -12.09 8.35
N LYS E 38 -31.36 -12.29 9.62
CA LYS E 38 -32.30 -12.01 10.72
C LYS E 38 -32.63 -10.51 10.90
N LEU E 39 -31.91 -9.62 10.19
CA LEU E 39 -32.06 -8.14 10.34
C LEU E 39 -32.18 -7.35 9.03
N LYS E 40 -31.42 -7.79 8.04
CA LYS E 40 -31.55 -7.42 6.61
C LYS E 40 -32.82 -6.63 6.23
N ASP E 41 -33.96 -7.13 6.69
CA ASP E 41 -35.23 -6.59 6.27
C ASP E 41 -35.80 -5.53 7.19
N LYS E 42 -35.20 -5.33 8.36
CA LYS E 42 -35.71 -4.35 9.31
C LYS E 42 -34.98 -3.02 9.15
N ILE E 43 -34.41 -2.76 7.98
CA ILE E 43 -33.60 -1.59 7.82
C ILE E 43 -33.71 -1.08 6.39
N SER E 44 -34.08 0.19 6.29
CA SER E 44 -34.52 0.71 5.01
C SER E 44 -33.35 0.72 4.08
N PRO E 45 -33.53 0.28 2.83
CA PRO E 45 -32.40 0.08 1.96
C PRO E 45 -31.66 1.38 1.67
N GLU E 46 -32.29 2.52 1.93
CA GLU E 46 -31.58 3.79 1.96
C GLU E 46 -30.50 3.69 3.02
N ASP E 47 -30.92 3.66 4.28
CA ASP E 47 -29.97 3.51 5.41
C ASP E 47 -28.97 2.38 5.17
N LYS E 48 -29.42 1.30 4.55
CA LYS E 48 -28.57 0.16 4.25
C LYS E 48 -27.44 0.57 3.32
N LYS E 49 -27.77 1.34 2.29
CA LYS E 49 -26.77 1.82 1.36
C LYS E 49 -25.81 2.79 2.04
N LYS E 50 -26.36 3.69 2.86
CA LYS E 50 -25.58 4.74 3.51
C LYS E 50 -24.54 4.13 4.41
N ILE E 51 -24.95 3.12 5.16
CA ILE E 51 -24.05 2.31 5.95
C ILE E 51 -23.05 1.61 5.05
N GLU E 52 -23.51 0.91 4.03
CA GLU E 52 -22.57 0.16 3.22
C GLU E 52 -21.51 1.08 2.63
N ASP E 53 -21.92 2.28 2.21
CA ASP E 53 -21.03 3.23 1.54
C ASP E 53 -20.00 3.76 2.49
N LYS E 54 -20.39 4.23 3.69
CA LYS E 54 -19.43 4.73 4.70
C LYS E 54 -18.48 3.62 5.09
N CYS E 55 -19.04 2.45 5.37
CA CYS E 55 -18.23 1.33 5.76
C CYS E 55 -17.24 1.00 4.66
N ASP E 56 -17.72 0.66 3.47
CA ASP E 56 -16.81 0.40 2.36
C ASP E 56 -15.71 1.48 2.22
N GLU E 57 -16.10 2.75 2.29
CA GLU E 57 -15.16 3.87 2.21
C GLU E 57 -14.06 3.75 3.24
N ILE E 58 -14.47 3.76 4.51
CA ILE E 58 -13.53 3.77 5.62
C ILE E 58 -12.59 2.59 5.53
N LEU E 59 -13.14 1.43 5.31
CA LEU E 59 -12.31 0.28 5.11
C LEU E 59 -11.26 0.55 4.01
N LYS E 60 -11.64 1.15 2.88
CA LYS E 60 -10.65 1.47 1.88
C LYS E 60 -9.55 2.38 2.44
N TRP E 61 -9.98 3.40 3.18
CA TRP E 61 -9.03 4.32 3.78
C TRP E 61 -8.10 3.57 4.68
N LEU E 62 -8.70 2.88 5.64
CA LEU E 62 -7.99 2.07 6.62
C LEU E 62 -6.95 1.22 5.94
N ASP E 63 -7.37 0.67 4.81
CA ASP E 63 -6.52 -0.19 4.00
C ASP E 63 -5.32 0.54 3.48
N SER E 64 -5.54 1.75 3.01
CA SER E 64 -4.43 2.50 2.44
C SER E 64 -3.51 3.10 3.48
N ASN E 65 -3.82 2.90 4.75
CA ASN E 65 -3.30 3.76 5.77
C ASN E 65 -2.76 3.19 7.04
N GLN E 66 -3.38 2.14 7.56
CA GLN E 66 -2.82 1.47 8.74
C GLN E 66 -1.96 2.30 9.79
N THR E 67 -1.91 3.63 9.65
CA THR E 67 -1.19 4.50 10.61
C THR E 67 -1.57 5.97 10.75
N ALA E 68 -2.06 6.59 9.68
CA ALA E 68 -2.09 8.05 9.59
C ALA E 68 -2.56 8.83 10.85
N GLU E 69 -1.81 9.88 11.17
CA GLU E 69 -1.91 10.70 12.40
C GLU E 69 -3.34 10.79 12.90
N LYS E 70 -3.50 10.64 14.21
CA LYS E 70 -4.80 10.35 14.79
C LYS E 70 -5.71 11.53 14.64
N GLU E 71 -5.19 12.71 14.98
CA GLU E 71 -5.98 13.94 15.07
C GLU E 71 -6.88 14.14 13.84
N GLU E 72 -7.52 13.05 13.39
CA GLU E 72 -8.21 12.97 12.10
C GLU E 72 -8.56 11.54 11.72
N PHE E 73 -7.72 10.59 12.08
CA PHE E 73 -8.16 9.22 12.07
C PHE E 73 -9.48 9.19 12.80
N GLU E 74 -9.56 9.98 13.87
CA GLU E 74 -10.82 10.21 14.61
C GLU E 74 -11.92 10.78 13.73
N HIS E 75 -11.63 11.83 12.95
CA HIS E 75 -12.60 12.34 11.98
C HIS E 75 -13.24 11.13 11.32
N GLN E 76 -12.42 10.28 10.71
CA GLN E 76 -12.93 9.16 9.95
C GLN E 76 -13.80 8.23 10.81
N GLN E 77 -13.50 8.12 12.09
CA GLN E 77 -14.30 7.28 12.95
C GLN E 77 -15.61 7.96 13.17
N LYS E 78 -15.55 9.12 13.79
CA LYS E 78 -16.75 9.86 14.17
C LYS E 78 -17.67 10.07 12.99
N ASP E 79 -17.09 10.27 11.81
CA ASP E 79 -17.87 10.35 10.57
C ASP E 79 -18.81 9.14 10.52
N LEU E 80 -18.24 7.94 10.63
CA LEU E 80 -19.03 6.72 10.56
C LEU E 80 -19.91 6.48 11.79
N GLU E 81 -19.41 6.77 12.97
CA GLU E 81 -20.22 6.67 14.17
C GLU E 81 -21.49 7.48 13.97
N GLY E 82 -21.31 8.71 13.49
CA GLY E 82 -22.44 9.62 13.21
C GLY E 82 -23.56 9.05 12.37
N LEU E 83 -23.20 8.24 11.37
CA LEU E 83 -24.16 7.48 10.60
C LEU E 83 -24.73 6.34 11.40
N ALA E 84 -23.91 5.33 11.64
CA ALA E 84 -24.39 4.10 12.26
C ALA E 84 -25.37 4.28 13.43
N ASN E 85 -24.89 4.90 14.49
CA ASN E 85 -25.56 4.77 15.76
C ASN E 85 -27.04 5.08 15.66
N PRO E 86 -27.38 6.26 15.15
CA PRO E 86 -28.83 6.56 14.93
C PRO E 86 -29.63 5.48 14.15
N ILE E 87 -29.00 4.91 13.14
CA ILE E 87 -29.63 3.90 12.28
C ILE E 87 -29.85 2.65 13.09
N ILE E 88 -28.75 2.12 13.63
CA ILE E 88 -28.81 0.86 14.36
C ILE E 88 -29.50 1.02 15.72
N SER E 89 -29.67 2.26 16.21
CA SER E 89 -30.55 2.46 17.38
C SER E 89 -31.97 2.04 17.03
N LYS E 90 -32.54 2.76 16.07
CA LYS E 90 -33.83 2.42 15.51
C LYS E 90 -33.88 0.93 15.21
N LEU E 91 -32.80 0.39 14.64
CA LEU E 91 -32.79 -1.01 14.28
C LEU E 91 -33.06 -1.86 15.49
N TYR E 92 -32.45 -1.62 16.64
CA TYR E 92 -32.86 -2.42 17.80
C TYR E 92 -34.25 -2.04 18.21
N GLN E 93 -35.15 -2.33 17.28
CA GLN E 93 -36.56 -2.54 17.51
C GLN E 93 -36.74 -4.05 17.21
N SER E 94 -36.15 -4.86 18.11
CA SER E 94 -36.44 -6.30 18.29
C SER E 94 -37.77 -6.47 19.04
N GLY F 13 -16.39 11.72 2.94
CA GLY F 13 -16.00 11.92 1.52
C GLY F 13 -14.80 12.87 1.39
N LEU F 14 -13.60 12.39 1.11
CA LEU F 14 -13.23 10.98 0.79
C LEU F 14 -13.64 10.56 -0.62
N VAL F 15 -12.68 10.72 -1.52
CA VAL F 15 -12.83 10.46 -2.92
C VAL F 15 -13.18 9.01 -3.21
N PRO F 16 -14.05 8.78 -4.21
CA PRO F 16 -14.41 7.44 -4.60
C PRO F 16 -13.58 7.08 -5.82
N ARG F 17 -13.72 5.84 -6.26
CA ARG F 17 -12.76 5.32 -7.20
C ARG F 17 -12.74 6.14 -8.46
N GLY F 18 -13.90 6.33 -9.04
CA GLY F 18 -13.95 7.05 -10.28
C GLY F 18 -12.87 8.13 -10.38
N SER F 19 -12.93 9.06 -9.45
CA SER F 19 -12.04 10.18 -9.50
C SER F 19 -10.63 9.65 -9.53
N HIS F 20 -10.37 8.70 -8.63
CA HIS F 20 -9.04 8.10 -8.57
C HIS F 20 -8.58 7.57 -9.92
N MET F 21 -9.46 6.97 -10.71
CA MET F 21 -9.05 6.44 -11.98
C MET F 21 -8.86 7.64 -12.87
N GLY F 22 -9.70 8.64 -12.67
CA GLY F 22 -9.65 9.83 -13.50
C GLY F 22 -8.31 10.52 -13.46
N LEU F 23 -7.76 10.68 -12.27
CA LEU F 23 -6.51 11.36 -12.19
C LEU F 23 -5.48 10.45 -12.79
N GLU F 24 -5.37 9.22 -12.27
CA GLU F 24 -4.42 8.25 -12.80
C GLU F 24 -4.43 8.38 -14.32
N SER F 25 -5.63 8.42 -14.89
CA SER F 25 -5.76 8.47 -16.33
C SER F 25 -5.16 9.73 -16.97
N TYR F 26 -5.63 10.90 -16.58
CA TYR F 26 -5.02 12.19 -16.96
C TYR F 26 -3.49 12.08 -16.88
N ALA F 27 -2.99 11.91 -15.67
CA ALA F 27 -1.59 11.74 -15.43
C ALA F 27 -0.99 10.83 -16.46
N PHE F 28 -1.61 9.68 -16.65
CA PHE F 28 -1.05 8.67 -17.51
C PHE F 28 -0.91 9.14 -18.91
N ASN F 29 -1.90 9.88 -19.34
CA ASN F 29 -2.01 10.31 -20.73
C ASN F 29 -1.15 11.46 -21.11
N LEU F 30 -1.14 12.48 -20.27
CA LEU F 30 -0.14 13.50 -20.43
C LEU F 30 1.15 12.78 -20.76
N LYS F 31 1.51 11.80 -19.96
CA LYS F 31 2.75 11.12 -20.25
C LYS F 31 2.78 10.61 -21.69
N GLN F 32 1.86 9.72 -22.05
CA GLN F 32 1.86 9.12 -23.40
C GLN F 32 2.03 10.17 -24.45
N THR F 33 1.30 11.27 -24.28
CA THR F 33 1.26 12.39 -25.22
C THR F 33 2.64 13.01 -25.43
N ILE F 34 3.19 13.44 -24.32
CA ILE F 34 4.52 13.96 -24.27
C ILE F 34 5.54 13.10 -24.97
N GLU F 35 5.37 11.78 -24.92
CA GLU F 35 6.38 10.89 -25.51
C GLU F 35 5.90 10.28 -26.82
N ASP F 36 4.77 10.77 -27.34
CA ASP F 36 4.31 10.29 -28.63
C ASP F 36 5.19 10.79 -29.75
N GLU F 37 5.88 9.87 -30.40
CA GLU F 37 6.71 10.21 -31.54
C GLU F 37 6.23 11.41 -32.41
N LYS F 38 4.93 11.48 -32.71
CA LYS F 38 4.37 12.57 -33.53
C LYS F 38 4.38 13.97 -32.84
N LEU F 39 4.70 14.02 -31.54
CA LEU F 39 4.67 15.28 -30.72
C LEU F 39 5.93 15.54 -29.86
N LYS F 40 6.47 14.46 -29.30
CA LYS F 40 7.80 14.39 -28.72
C LYS F 40 8.68 15.62 -28.98
N ASP F 41 8.78 16.01 -30.24
CA ASP F 41 9.73 17.02 -30.64
C ASP F 41 9.18 18.43 -30.61
N LYS F 42 7.88 18.59 -30.44
CA LYS F 42 7.29 19.92 -30.47
C LYS F 42 7.13 20.44 -29.04
N ILE F 43 7.94 19.96 -28.12
CA ILE F 43 7.76 20.33 -26.73
C ILE F 43 9.09 20.36 -25.99
N SER F 44 9.40 21.51 -25.41
CA SER F 44 10.75 21.80 -24.99
C SER F 44 11.08 20.85 -23.86
N PRO F 45 12.27 20.26 -23.88
CA PRO F 45 12.54 19.19 -22.96
C PRO F 45 12.49 19.65 -21.52
N GLU F 46 12.57 20.95 -21.28
CA GLU F 46 12.24 21.51 -19.97
C GLU F 46 10.80 21.17 -19.62
N ASP F 47 9.86 21.76 -20.34
CA ASP F 47 8.45 21.45 -20.14
C ASP F 47 8.21 19.94 -20.12
N LYS F 48 8.95 19.20 -20.93
CA LYS F 48 8.80 17.76 -21.00
C LYS F 48 9.14 17.15 -19.66
N LYS F 49 10.23 17.61 -19.05
CA LYS F 49 10.63 17.10 -17.75
C LYS F 49 9.62 17.49 -16.69
N LYS F 50 9.15 18.74 -16.75
CA LYS F 50 8.25 19.27 -15.74
C LYS F 50 6.99 18.45 -15.68
N ILE F 51 6.43 18.17 -16.86
CA ILE F 51 5.30 17.28 -17.02
C ILE F 51 5.63 15.88 -16.50
N GLU F 52 6.74 15.31 -16.91
CA GLU F 52 7.05 13.96 -16.50
C GLU F 52 7.14 13.90 -14.98
N ASP F 53 7.73 14.94 -14.37
CA ASP F 53 7.97 14.94 -12.95
C ASP F 53 6.66 15.03 -12.18
N LYS F 54 5.80 15.99 -12.52
CA LYS F 54 4.46 16.08 -11.86
C LYS F 54 3.68 14.81 -12.05
N CYS F 55 3.67 14.32 -13.28
CA CYS F 55 2.93 13.13 -13.58
C CYS F 55 3.47 12.02 -12.72
N ASP F 56 4.72 11.66 -12.91
CA ASP F 56 5.32 10.60 -12.11
C ASP F 56 4.98 10.73 -10.62
N GLU F 57 5.13 11.95 -10.08
CA GLU F 57 4.80 12.25 -8.67
C GLU F 57 3.37 11.85 -8.33
N ILE F 58 2.42 12.47 -9.02
CA ILE F 58 1.01 12.27 -8.71
C ILE F 58 0.63 10.81 -8.80
N LEU F 59 1.05 10.17 -9.85
CA LEU F 59 0.84 8.75 -9.97
C LEU F 59 1.35 8.00 -8.71
N LYS F 60 2.57 8.32 -8.25
CA LYS F 60 3.03 7.69 -7.02
C LYS F 60 2.04 7.95 -5.87
N TRP F 61 1.64 9.20 -5.72
CA TRP F 61 0.71 9.55 -4.67
C TRP F 61 -0.54 8.70 -4.78
N LEU F 62 -1.15 8.78 -5.97
CA LEU F 62 -2.38 8.08 -6.33
C LEU F 62 -2.25 6.65 -5.96
N ASP F 63 -1.06 6.12 -6.24
CA ASP F 63 -0.74 4.75 -5.93
C ASP F 63 -0.76 4.46 -4.46
N SER F 64 -0.21 5.37 -3.67
CA SER F 64 -0.17 5.11 -2.26
C SER F 64 -1.50 5.36 -1.59
N ASN F 65 -2.51 5.76 -2.34
CA ASN F 65 -3.63 6.42 -1.73
C ASN F 65 -5.04 6.07 -2.14
N GLN F 66 -5.25 5.76 -3.41
CA GLN F 66 -6.55 5.31 -3.86
C GLN F 66 -7.86 5.78 -3.05
N THR F 67 -7.72 6.71 -2.08
CA THR F 67 -8.88 7.24 -1.37
C THR F 67 -8.80 8.63 -0.78
N ALA F 68 -7.62 9.04 -0.35
CA ALA F 68 -7.50 10.14 0.60
C ALA F 68 -8.45 11.36 0.41
N GLU F 69 -9.06 11.81 1.52
CA GLU F 69 -10.09 12.87 1.59
C GLU F 69 -9.92 13.89 0.49
N LYS F 70 -11.02 14.29 -0.13
CA LYS F 70 -10.96 15.00 -1.40
C LYS F 70 -10.37 16.39 -1.23
N GLU F 71 -10.87 17.09 -0.21
CA GLU F 71 -10.58 18.51 0.02
C GLU F 71 -9.06 18.81 -0.09
N GLU F 72 -8.41 18.21 -1.09
CA GLU F 72 -6.94 18.16 -1.20
C GLU F 72 -6.47 17.16 -2.24
N PHE F 73 -7.19 16.06 -2.39
CA PHE F 73 -7.03 15.26 -3.57
C PHE F 73 -7.07 16.24 -4.75
N GLU F 74 -8.01 17.20 -4.64
CA GLU F 74 -8.11 18.30 -5.58
C GLU F 74 -6.80 19.10 -5.69
N HIS F 75 -6.22 19.49 -4.57
CA HIS F 75 -4.91 20.16 -4.60
C HIS F 75 -4.07 19.41 -5.61
N GLN F 76 -3.92 18.11 -5.39
CA GLN F 76 -3.02 17.31 -6.22
C GLN F 76 -3.40 17.37 -7.69
N GLN F 77 -4.69 17.48 -7.97
CA GLN F 77 -5.14 17.59 -9.35
C GLN F 77 -4.75 18.94 -9.88
N LYS F 78 -5.31 19.97 -9.28
CA LYS F 78 -5.10 21.33 -9.74
C LYS F 78 -3.62 21.65 -9.88
N ASP F 79 -2.82 21.12 -8.97
CA ASP F 79 -1.37 21.24 -9.04
C ASP F 79 -0.95 20.85 -10.46
N LEU F 80 -1.33 19.66 -10.88
CA LEU F 80 -0.93 19.15 -12.20
C LEU F 80 -1.66 19.83 -13.36
N GLU F 81 -2.94 20.13 -13.20
CA GLU F 81 -3.66 20.88 -14.22
C GLU F 81 -2.87 22.16 -14.51
N GLY F 82 -2.50 22.86 -13.44
CA GLY F 82 -1.76 24.13 -13.53
C GLY F 82 -0.54 24.07 -14.42
N LEU F 83 0.19 22.95 -14.36
CA LEU F 83 1.31 22.71 -15.26
C LEU F 83 0.84 22.39 -16.65
N ALA F 84 0.20 21.25 -16.81
CA ALA F 84 -0.19 20.75 -18.13
C ALA F 84 -0.79 21.81 -19.06
N ASN F 85 -1.94 22.32 -18.68
CA ASN F 85 -2.77 22.99 -19.64
C ASN F 85 -2.02 24.05 -20.44
N PRO F 86 -1.36 24.99 -19.76
CA PRO F 86 -0.52 25.99 -20.49
C PRO F 86 0.51 25.40 -21.46
N ILE F 87 1.12 24.29 -21.08
CA ILE F 87 2.15 23.64 -21.90
C ILE F 87 1.50 23.04 -23.12
N ILE F 88 0.51 22.18 -22.88
CA ILE F 88 -0.14 21.48 -23.96
C ILE F 88 -1.06 22.40 -24.78
N SER F 89 -1.42 23.56 -24.25
CA SER F 89 -2.07 24.57 -25.08
C SER F 89 -1.15 24.97 -26.21
N LYS F 90 -0.01 25.56 -25.83
CA LYS F 90 1.06 25.87 -26.78
C LYS F 90 1.35 24.67 -27.69
N LEU F 91 1.34 23.46 -27.11
CA LEU F 91 1.60 22.27 -27.88
C LEU F 91 0.63 22.14 -29.03
N TYR F 92 -0.67 22.33 -28.83
CA TYR F 92 -1.54 22.33 -30.02
C TYR F 92 -1.29 23.57 -30.85
N GLN F 93 -0.05 23.59 -31.35
CA GLN F 93 0.36 24.29 -32.55
C GLN F 93 0.67 23.16 -33.55
N SER F 94 -0.42 22.48 -33.96
CA SER F 94 -0.48 21.60 -35.15
C SER F 94 -0.50 22.44 -36.44
#